data_2I6K
#
_entry.id   2I6K
#
_cell.length_a   41.363
_cell.length_b   43.074
_cell.length_c   70.466
_cell.angle_alpha   80.26
_cell.angle_beta   89.98
_cell.angle_gamma   67.95
#
_symmetry.space_group_name_H-M   'P 1'
#
loop_
_entity.id
_entity.type
_entity.pdbx_description
1 polymer 'Isopentenyl-diphosphate delta-isomerase 1'
2 non-polymer 'MANGANESE (II) ION'
3 non-polymer 'MAGNESIUM ION'
4 non-polymer AMINOETHANOLPYROPHOSPHATE
5 non-polymer 'ACETIC ACID'
6 water water
#
_entity_poly.entity_id   1
_entity_poly.type   'polypeptide(L)'
_entity_poly.pdbx_seq_one_letter_code
;(MSE)GHHHHHH(MSE)PEINTNHLDKQQVQLLAE(MSE)CILIDENDNKIGAETKKNCHLNENIEKGLLHRAFSVFLFN
TENKLLLQQRSDAKITFPGCFTNTCCSHPLSNPAELEESDALGVRRAAQRRLKAELGIPLEEVPPEEINYLTRIHYKAQS
DGIWGEHEIDYILLVR(MSE)NVTLNPDPNEIKSYCYVSKEELKELLKKAASGEIKITPWFKIIAATFLFKWWDNLNHLN
QFVDHEKIYR(MSE)
;
_entity_poly.pdbx_strand_id   A,B
#
# COMPACT_ATOMS: atom_id res chain seq x y z
N ILE A 12 -20.31 -22.36 10.45
CA ILE A 12 -20.00 -23.02 11.70
C ILE A 12 -19.04 -22.20 12.52
N ASN A 13 -18.51 -22.83 13.55
CA ASN A 13 -18.29 -22.18 14.79
C ASN A 13 -16.84 -22.15 15.19
N THR A 14 -16.24 -20.97 15.08
CA THR A 14 -14.80 -20.84 15.09
C THR A 14 -14.34 -20.53 16.50
N ASN A 15 -15.06 -21.03 17.48
CA ASN A 15 -14.73 -20.72 18.87
C ASN A 15 -13.62 -21.59 19.43
N HIS A 16 -13.30 -22.75 18.81
CA HIS A 16 -12.28 -23.57 19.43
C HIS A 16 -10.89 -23.15 18.98
N LEU A 17 -10.88 -22.11 18.10
CA LEU A 17 -9.71 -21.63 17.33
C LEU A 17 -9.13 -20.31 17.85
N ASP A 18 -7.84 -20.12 17.58
CA ASP A 18 -7.07 -18.96 18.04
C ASP A 18 -7.68 -17.63 17.57
N LYS A 19 -7.76 -16.66 18.48
CA LYS A 19 -8.46 -15.40 18.23
C LYS A 19 -7.82 -14.52 17.16
N GLN A 20 -6.50 -14.41 17.17
CA GLN A 20 -5.82 -13.59 16.17
C GLN A 20 -5.99 -14.19 14.78
N GLN A 21 -5.95 -15.53 14.70
CA GLN A 21 -6.16 -16.23 13.44
C GLN A 21 -7.57 -16.07 12.92
N VAL A 22 -8.52 -16.01 13.84
CA VAL A 22 -9.92 -15.88 13.51
C VAL A 22 -10.21 -14.51 12.96
N GLN A 23 -9.61 -13.50 13.53
CA GLN A 23 -9.74 -12.18 12.99
C GLN A 23 -9.27 -12.11 11.54
N LEU A 24 -8.28 -12.91 11.20
CA LEU A 24 -7.72 -12.84 9.86
C LEU A 24 -8.67 -13.47 8.85
N LEU A 25 -9.63 -14.21 9.36
CA LEU A 25 -10.60 -14.86 8.49
C LEU A 25 -11.55 -13.91 7.80
N ALA A 26 -11.55 -12.67 8.21
CA ALA A 26 -12.42 -11.67 7.61
C ALA A 26 -11.75 -11.02 6.41
N GLU A 27 -10.48 -11.33 6.19
CA GLU A 27 -9.76 -10.78 5.04
C GLU A 27 -10.39 -11.25 3.74
N CYS A 29 -10.18 -12.45 0.04
CA CYS A 29 -9.33 -13.09 -0.98
C CYS A 29 -9.87 -12.91 -2.39
N ILE A 30 -9.02 -13.14 -3.39
CA ILE A 30 -9.42 -13.05 -4.80
C ILE A 30 -9.95 -14.41 -5.34
N LEU A 31 -11.20 -14.41 -5.76
CA LEU A 31 -11.79 -15.59 -6.35
C LEU A 31 -11.40 -15.58 -7.81
N ILE A 32 -10.89 -16.70 -8.32
CA ILE A 32 -10.40 -16.78 -9.72
C ILE A 32 -11.05 -17.96 -10.42
N ASP A 33 -11.03 -17.95 -11.76
CA ASP A 33 -11.43 -19.11 -12.52
C ASP A 33 -10.22 -20.01 -12.68
N GLU A 34 -10.37 -21.13 -13.38
CA GLU A 34 -9.24 -22.06 -13.51
C GLU A 34 -8.05 -21.48 -14.28
N ASN A 35 -8.22 -20.33 -14.92
CA ASN A 35 -7.14 -19.68 -15.67
C ASN A 35 -6.59 -18.45 -14.97
N ASP A 36 -6.89 -18.30 -13.69
CA ASP A 36 -6.34 -17.20 -12.86
C ASP A 36 -6.86 -15.83 -13.28
N ASN A 37 -8.05 -15.80 -13.88
CA ASN A 37 -8.79 -14.57 -14.13
C ASN A 37 -9.67 -14.31 -12.91
N LYS A 38 -9.70 -13.06 -12.44
CA LYS A 38 -10.49 -12.67 -11.25
C LYS A 38 -11.98 -12.80 -11.55
N ILE A 39 -12.71 -13.40 -10.62
CA ILE A 39 -14.16 -13.58 -10.79
C ILE A 39 -14.99 -13.05 -9.61
N GLY A 40 -14.33 -12.76 -8.50
CA GLY A 40 -15.02 -12.17 -7.35
C GLY A 40 -14.11 -12.00 -6.18
N ALA A 41 -14.71 -11.81 -5.01
CA ALA A 41 -14.00 -11.64 -3.77
C ALA A 41 -14.77 -12.37 -2.69
N GLU A 42 -14.05 -13.02 -1.79
CA GLU A 42 -14.65 -13.84 -0.76
C GLU A 42 -13.77 -13.85 0.47
N THR A 43 -14.35 -13.92 1.67
CA THR A 43 -13.59 -14.00 2.90
C THR A 43 -12.70 -15.23 2.94
N LYS A 44 -11.53 -15.06 3.56
CA LYS A 44 -10.57 -16.13 3.81
C LYS A 44 -11.25 -17.37 4.37
N LYS A 45 -12.14 -17.16 5.35
CA LYS A 45 -12.87 -18.26 5.96
C LYS A 45 -13.67 -19.08 4.94
N ASN A 46 -14.52 -18.43 4.15
CA ASN A 46 -15.34 -19.13 3.17
C ASN A 46 -14.48 -19.81 2.09
N CYS A 47 -13.38 -19.17 1.75
CA CYS A 47 -12.44 -19.71 0.76
C CYS A 47 -11.78 -20.98 1.26
N HIS A 48 -11.75 -21.17 2.59
CA HIS A 48 -11.04 -22.32 3.15
C HIS A 48 -11.90 -23.40 3.71
N LEU A 49 -13.21 -23.29 3.53
CA LEU A 49 -14.12 -24.34 3.95
C LEU A 49 -14.23 -25.35 2.84
N ASN A 50 -13.98 -26.62 3.17
CA ASN A 50 -14.10 -27.72 2.22
C ASN A 50 -15.48 -27.74 1.54
N GLU A 51 -16.53 -27.43 2.32
CA GLU A 51 -17.88 -27.37 1.78
C GLU A 51 -17.97 -26.38 0.61
N ASN A 52 -17.23 -25.26 0.70
CA ASN A 52 -17.23 -24.26 -0.35
C ASN A 52 -16.30 -24.63 -1.50
N ILE A 53 -15.16 -25.25 -1.18
CA ILE A 53 -14.22 -25.71 -2.20
CA ILE A 53 -14.21 -25.73 -2.20
C ILE A 53 -14.88 -26.81 -3.05
N GLU A 54 -15.76 -27.59 -2.44
CA GLU A 54 -16.53 -28.62 -3.15
C GLU A 54 -17.57 -28.01 -4.06
N LYS A 55 -17.87 -26.72 -3.84
CA LYS A 55 -18.75 -25.97 -4.74
C LYS A 55 -17.96 -25.24 -5.81
N GLY A 56 -16.67 -25.53 -5.91
CA GLY A 56 -15.84 -24.96 -6.99
C GLY A 56 -15.00 -23.76 -6.60
N LEU A 57 -15.14 -23.30 -5.36
CA LEU A 57 -14.46 -22.08 -4.91
C LEU A 57 -12.94 -22.24 -4.94
N LEU A 58 -12.28 -21.29 -5.61
CA LEU A 58 -10.83 -21.32 -5.92
C LEU A 58 -10.29 -19.89 -5.78
N HIS A 59 -9.18 -19.70 -5.05
CA HIS A 59 -8.67 -18.35 -4.77
C HIS A 59 -7.19 -18.20 -5.18
N ARG A 60 -6.72 -16.95 -5.32
CA ARG A 60 -5.32 -16.65 -5.63
C ARG A 60 -4.45 -16.65 -4.37
N ALA A 61 -3.22 -17.13 -4.54
CA ALA A 61 -2.28 -17.36 -3.45
C ALA A 61 -0.85 -17.19 -3.90
N PHE A 62 0.06 -17.10 -2.93
CA PHE A 62 1.49 -17.10 -3.23
C PHE A 62 2.31 -17.91 -2.22
N SER A 63 3.44 -18.45 -2.72
CA SER A 63 4.43 -19.14 -1.92
C SER A 63 5.80 -18.55 -2.15
N VAL A 64 6.45 -18.12 -1.07
CA VAL A 64 7.79 -17.54 -1.12
C VAL A 64 8.79 -18.60 -0.71
N PHE A 65 9.90 -18.68 -1.45
CA PHE A 65 11.07 -19.47 -1.06
C PHE A 65 12.24 -18.51 -0.95
N LEU A 66 12.70 -18.27 0.27
CA LEU A 66 13.79 -17.32 0.51
C LEU A 66 15.09 -18.04 0.85
N PHE A 67 16.11 -17.80 0.03
CA PHE A 67 17.44 -18.36 0.22
C PHE A 67 18.36 -17.26 0.72
N ASN A 68 19.21 -17.56 1.70
CA ASN A 68 20.24 -16.59 2.10
C ASN A 68 21.46 -16.64 1.15
N THR A 69 22.51 -15.90 1.46
CA THR A 69 23.67 -15.85 0.55
C THR A 69 24.58 -17.07 0.65
N GLU A 70 24.37 -17.89 1.67
CA GLU A 70 24.98 -19.22 1.74
C GLU A 70 24.15 -20.25 0.95
N ASN A 71 23.15 -19.77 0.22
CA ASN A 71 22.18 -20.60 -0.54
C ASN A 71 21.37 -21.58 0.31
N LYS A 72 21.07 -21.19 1.55
CA LYS A 72 20.22 -22.00 2.43
C LYS A 72 18.78 -21.50 2.35
N LEU A 73 17.85 -22.44 2.25
CA LEU A 73 16.43 -22.13 2.21
C LEU A 73 15.92 -21.89 3.64
N LEU A 74 15.20 -20.77 3.83
CA LEU A 74 14.55 -20.50 5.09
C LEU A 74 13.23 -21.23 5.16
N LEU A 75 13.13 -22.14 6.11
CA LEU A 75 11.90 -22.88 6.32
C LEU A 75 11.22 -22.37 7.59
N GLN A 76 9.90 -22.48 7.59
CA GLN A 76 9.14 -22.18 8.79
C GLN A 76 8.34 -23.40 9.24
N GLN A 77 8.02 -23.44 10.54
CA GLN A 77 7.05 -24.37 11.06
C GLN A 77 5.86 -23.55 11.52
N ARG A 78 4.70 -23.89 10.97
CA ARG A 78 3.47 -23.18 11.25
C ARG A 78 3.14 -23.38 12.73
N SER A 79 2.71 -22.32 13.40
CA SER A 79 2.33 -22.42 14.81
C SER A 79 1.16 -23.39 14.96
N ASP A 80 0.89 -23.81 16.18
CA ASP A 80 -0.29 -24.60 16.48
C ASP A 80 -1.60 -23.78 16.40
N ALA A 81 -1.46 -22.46 16.32
CA ALA A 81 -2.60 -21.54 16.16
C ALA A 81 -3.22 -21.52 14.77
N LYS A 82 -2.45 -21.86 13.74
CA LYS A 82 -2.96 -21.83 12.38
C LYS A 82 -4.13 -22.78 12.20
N ILE A 83 -5.15 -22.31 11.49
CA ILE A 83 -6.38 -23.04 11.31
C ILE A 83 -6.23 -24.16 10.29
N THR A 84 -5.44 -23.91 9.25
CA THR A 84 -5.07 -24.94 8.30
C THR A 84 -3.63 -25.37 8.57
N PHE A 85 -3.38 -26.68 8.54
CA PHE A 85 -2.02 -27.27 8.64
C PHE A 85 -1.13 -26.74 9.78
N PRO A 86 -1.67 -26.68 11.02
CA PRO A 86 -0.80 -26.27 12.13
C PRO A 86 0.30 -27.27 12.41
N GLY A 87 1.43 -26.79 12.88
CA GLY A 87 2.55 -27.64 13.24
C GLY A 87 3.36 -28.10 12.03
N CYS A 88 2.97 -27.71 10.84
CA CYS A 88 3.59 -28.23 9.62
C CYS A 88 4.81 -27.45 9.16
N PHE A 89 5.87 -28.15 8.75
CA PHE A 89 7.02 -27.51 8.11
C PHE A 89 6.74 -27.20 6.65
N THR A 90 7.29 -26.08 6.19
CA THR A 90 6.86 -25.50 4.93
C THR A 90 7.87 -24.45 4.51
N ASN A 91 7.75 -23.99 3.26
CA ASN A 91 8.63 -22.96 2.73
C ASN A 91 8.48 -21.66 3.48
N THR A 92 9.31 -20.69 3.12
CA THR A 92 9.49 -19.44 3.85
C THR A 92 8.20 -18.79 4.37
N CYS A 93 7.23 -18.58 3.46
CA CYS A 93 6.04 -17.79 3.73
C CYS A 93 5.00 -17.99 2.63
N CYS A 94 3.78 -18.32 3.04
CA CYS A 94 2.63 -18.36 2.12
C CYS A 94 1.48 -17.49 2.60
N SER A 95 0.74 -16.95 1.63
CA SER A 95 -0.55 -16.32 1.92
CA SER A 95 -0.54 -16.29 1.91
C SER A 95 -1.32 -16.05 0.63
N HIS A 96 -2.18 -15.04 0.70
CA HIS A 96 -3.09 -14.67 -0.36
C HIS A 96 -2.95 -13.19 -0.62
N PRO A 97 -2.91 -12.80 -1.90
CA PRO A 97 -3.11 -11.40 -2.26
C PRO A 97 -4.53 -10.98 -1.88
N LEU A 98 -4.67 -9.77 -1.33
CA LEU A 98 -5.96 -9.35 -0.80
C LEU A 98 -6.78 -8.76 -1.93
N SER A 99 -8.10 -8.83 -1.79
CA SER A 99 -8.95 -8.18 -2.75
C SER A 99 -9.03 -6.68 -2.52
N ASN A 100 -7.89 -6.00 -2.63
CA ASN A 100 -7.83 -4.54 -2.62
C ASN A 100 -7.04 -4.02 -3.85
N PRO A 101 -7.19 -2.71 -4.21
CA PRO A 101 -6.50 -2.24 -5.43
C PRO A 101 -4.97 -2.34 -5.44
N ALA A 102 -4.36 -2.37 -4.26
CA ALA A 102 -2.92 -2.54 -4.17
C ALA A 102 -2.54 -3.95 -4.62
N GLU A 103 -3.30 -4.94 -4.15
CA GLU A 103 -2.91 -6.33 -4.35
C GLU A 103 -3.68 -7.05 -5.43
N LEU A 104 -4.60 -6.35 -6.08
CA LEU A 104 -5.29 -6.92 -7.24
C LEU A 104 -4.46 -6.61 -8.47
N GLU A 105 -3.49 -5.71 -8.33
CA GLU A 105 -2.71 -5.22 -9.48
C GLU A 105 -2.06 -6.37 -10.22
N GLU A 106 -2.40 -6.50 -11.49
CA GLU A 106 -1.90 -7.62 -12.30
C GLU A 106 -0.74 -7.30 -13.25
N SER A 107 -0.47 -6.01 -13.46
CA SER A 107 0.71 -5.61 -14.21
C SER A 107 1.95 -6.17 -13.52
N ASP A 108 2.66 -7.04 -14.23
CA ASP A 108 3.91 -7.67 -13.75
C ASP A 108 3.74 -8.46 -12.43
N ALA A 109 2.52 -8.95 -12.21
CA ALA A 109 2.17 -9.68 -10.98
C ALA A 109 2.55 -8.87 -9.74
N LEU A 110 2.45 -7.55 -9.86
CA LEU A 110 2.87 -6.64 -8.81
C LEU A 110 2.02 -6.83 -7.56
N GLY A 111 0.74 -7.14 -7.72
CA GLY A 111 -0.15 -7.31 -6.59
C GLY A 111 0.26 -8.45 -5.69
N VAL A 112 0.73 -9.56 -6.27
CA VAL A 112 1.15 -10.71 -5.47
C VAL A 112 2.48 -10.43 -4.76
N ARG A 113 3.41 -9.80 -5.49
CA ARG A 113 4.72 -9.43 -4.97
C ARG A 113 4.63 -8.42 -3.83
N ARG A 114 3.62 -7.55 -3.87
CA ARG A 114 3.32 -6.64 -2.76
C ARG A 114 2.73 -7.36 -1.55
N ALA A 115 1.91 -8.37 -1.83
CA ALA A 115 1.29 -9.23 -0.82
C ALA A 115 2.33 -10.02 -0.05
N ALA A 116 3.29 -10.60 -0.79
CA ALA A 116 4.45 -11.32 -0.27
C ALA A 116 5.29 -10.46 0.66
N GLN A 117 5.62 -9.24 0.20
CA GLN A 117 6.39 -8.29 0.99
C GLN A 117 5.65 -7.99 2.28
N ARG A 118 4.35 -7.74 2.18
CA ARG A 118 3.50 -7.51 3.35
C ARG A 118 3.52 -8.69 4.32
N ARG A 119 3.34 -9.91 3.83
CA ARG A 119 3.31 -11.09 4.72
C ARG A 119 4.67 -11.48 5.28
N LEU A 120 5.73 -11.23 4.51
CA LEU A 120 7.06 -11.48 5.02
C LEU A 120 7.31 -10.63 6.25
N LYS A 121 6.76 -9.42 6.24
CA LYS A 121 6.86 -8.52 7.37
C LYS A 121 5.97 -8.98 8.50
N ALA A 122 4.74 -9.34 8.19
CA ALA A 122 3.78 -9.78 9.22
C ALA A 122 4.16 -11.12 9.84
N GLU A 123 4.50 -12.12 9.03
CA GLU A 123 4.89 -13.41 9.60
C GLU A 123 6.29 -13.41 10.24
N LEU A 124 7.28 -12.90 9.51
CA LEU A 124 8.67 -13.10 9.95
C LEU A 124 9.33 -11.86 10.52
N GLY A 125 8.65 -10.73 10.42
CA GLY A 125 9.21 -9.51 10.99
C GLY A 125 10.31 -8.94 10.12
N ILE A 126 10.41 -9.43 8.89
CA ILE A 126 11.31 -8.88 7.90
C ILE A 126 10.87 -7.47 7.46
N PRO A 127 11.73 -6.46 7.72
CA PRO A 127 11.39 -5.09 7.31
C PRO A 127 11.10 -4.96 5.82
N LEU A 128 10.02 -4.25 5.49
CA LEU A 128 9.58 -4.09 4.11
C LEU A 128 10.74 -3.71 3.20
N GLU A 129 11.67 -2.92 3.73
CA GLU A 129 12.77 -2.41 2.94
C GLU A 129 13.78 -3.46 2.53
N GLU A 130 13.88 -4.52 3.33
CA GLU A 130 14.81 -5.60 3.04
C GLU A 130 14.37 -6.44 1.84
N VAL A 131 13.06 -6.50 1.59
CA VAL A 131 12.53 -7.23 0.42
C VAL A 131 11.51 -6.41 -0.35
N PRO A 132 11.98 -5.45 -1.19
CA PRO A 132 11.02 -4.71 -1.99
C PRO A 132 10.51 -5.59 -3.13
N PRO A 133 9.38 -5.24 -3.72
CA PRO A 133 8.73 -6.10 -4.68
C PRO A 133 9.59 -6.49 -5.89
N GLU A 134 10.56 -5.67 -6.27
CA GLU A 134 11.54 -5.99 -7.32
C GLU A 134 12.50 -7.13 -7.01
N GLU A 135 12.73 -7.39 -5.74
CA GLU A 135 13.61 -8.45 -5.36
C GLU A 135 12.92 -9.79 -5.31
N ILE A 136 11.65 -9.79 -5.60
CA ILE A 136 10.85 -11.02 -5.50
C ILE A 136 10.61 -11.56 -6.91
N ASN A 137 11.15 -12.75 -7.16
CA ASN A 137 11.09 -13.35 -8.49
CA ASN A 137 11.09 -13.35 -8.49
C ASN A 137 9.92 -14.30 -8.66
N TYR A 138 8.92 -13.85 -9.40
CA TYR A 138 7.79 -14.67 -9.74
C TYR A 138 8.20 -15.66 -10.84
N LEU A 139 8.18 -16.94 -10.51
CA LEU A 139 8.57 -18.00 -11.45
C LEU A 139 7.43 -18.56 -12.27
N THR A 140 6.48 -19.22 -11.60
CA THR A 140 5.34 -19.83 -12.27
C THR A 140 4.18 -20.02 -11.32
N ARG A 141 3.12 -20.66 -11.79
CA ARG A 141 1.92 -20.91 -10.98
C ARG A 141 1.57 -22.39 -10.95
N ILE A 142 1.09 -22.84 -9.80
CA ILE A 142 0.62 -24.20 -9.62
C ILE A 142 -0.81 -24.22 -9.05
N HIS A 143 -1.67 -25.00 -9.69
CA HIS A 143 -3.02 -25.26 -9.21
C HIS A 143 -3.02 -26.54 -8.36
N TYR A 144 -3.55 -26.46 -7.13
CA TYR A 144 -3.65 -27.64 -6.26
C TYR A 144 -4.88 -27.56 -5.32
N LYS A 145 -5.30 -28.73 -4.87
CA LYS A 145 -6.38 -28.87 -3.90
C LYS A 145 -5.89 -29.85 -2.85
N ALA A 146 -6.07 -29.50 -1.58
CA ALA A 146 -5.66 -30.33 -0.46
C ALA A 146 -6.47 -30.03 0.80
N GLN A 147 -6.84 -31.07 1.52
CA GLN A 147 -7.57 -30.89 2.80
C GLN A 147 -6.63 -30.87 4.03
N SER A 148 -6.93 -29.98 4.97
CA SER A 148 -6.26 -29.93 6.25
C SER A 148 -6.90 -30.92 7.20
N ASP A 149 -8.21 -30.79 7.36
CA ASP A 149 -9.02 -31.74 8.09
C ASP A 149 -10.34 -31.88 7.34
N GLY A 150 -11.37 -32.36 8.03
CA GLY A 150 -12.69 -32.50 7.41
C GLY A 150 -13.32 -31.18 7.06
N ILE A 151 -13.00 -30.14 7.80
CA ILE A 151 -13.66 -28.84 7.64
C ILE A 151 -12.90 -27.85 6.81
N TRP A 152 -11.59 -27.77 7.05
CA TRP A 152 -10.74 -26.77 6.43
C TRP A 152 -9.82 -27.38 5.38
N GLY A 153 -9.50 -26.59 4.36
CA GLY A 153 -8.61 -27.04 3.29
C GLY A 153 -8.21 -25.92 2.38
N GLU A 154 -7.53 -26.28 1.31
CA GLU A 154 -7.00 -25.30 0.39
C GLU A 154 -7.42 -25.64 -1.01
N HIS A 155 -7.61 -24.62 -1.83
CA HIS A 155 -7.80 -24.73 -3.28
C HIS A 155 -7.32 -23.42 -3.87
N GLU A 156 -6.17 -23.46 -4.55
CA GLU A 156 -5.49 -22.26 -4.95
C GLU A 156 -4.82 -22.41 -6.29
N ILE A 157 -4.64 -21.29 -6.98
CA ILE A 157 -3.58 -21.19 -7.99
C ILE A 157 -2.49 -20.37 -7.29
N ASP A 158 -1.36 -21.02 -7.03
CA ASP A 158 -0.30 -20.52 -6.18
C ASP A 158 0.82 -19.96 -7.04
N TYR A 159 1.09 -18.67 -6.84
CA TYR A 159 2.24 -17.96 -7.44
C TYR A 159 3.53 -18.33 -6.71
N ILE A 160 4.50 -18.93 -7.41
CA ILE A 160 5.77 -19.31 -6.79
C ILE A 160 6.81 -18.20 -6.86
N LEU A 161 7.22 -17.73 -5.69
CA LEU A 161 8.11 -16.57 -5.61
C LEU A 161 9.43 -16.93 -4.98
N LEU A 162 10.52 -16.52 -5.63
CA LEU A 162 11.84 -16.75 -5.08
C LEU A 162 12.57 -15.45 -4.74
N VAL A 163 13.17 -15.44 -3.55
CA VAL A 163 13.95 -14.31 -3.06
C VAL A 163 15.34 -14.82 -2.63
N ARG A 164 16.38 -14.05 -2.95
CA ARG A 164 17.76 -14.31 -2.48
C ARG A 164 18.30 -13.07 -1.76
N ASN A 166 19.79 -11.65 2.42
CA ASN A 166 20.10 -11.88 3.81
C ASN A 166 19.19 -10.98 4.62
N VAL A 167 18.33 -11.57 5.45
CA VAL A 167 17.29 -10.78 6.13
C VAL A 167 17.38 -10.84 7.65
N THR A 168 16.78 -9.85 8.31
CA THR A 168 16.72 -9.82 9.77
C THR A 168 15.38 -10.38 10.19
N LEU A 169 15.40 -11.30 11.15
CA LEU A 169 14.18 -11.99 11.56
C LEU A 169 13.69 -11.61 12.95
N ASN A 170 12.42 -11.39 13.06
CA ASN A 170 11.73 -11.42 14.35
C ASN A 170 10.35 -11.90 14.06
N PRO A 171 10.17 -13.20 13.98
CA PRO A 171 8.89 -13.78 13.56
C PRO A 171 7.81 -13.68 14.65
N ASP A 172 6.54 -13.70 14.23
CA ASP A 172 5.38 -13.72 15.11
C ASP A 172 5.14 -15.17 15.58
N PRO A 173 5.25 -15.43 16.92
CA PRO A 173 5.01 -16.76 17.48
C PRO A 173 3.58 -17.25 17.26
N ASN A 174 2.66 -16.33 16.99
CA ASN A 174 1.29 -16.69 16.65
C ASN A 174 1.17 -17.29 15.25
N GLU A 175 2.12 -16.96 14.38
CA GLU A 175 2.12 -17.42 13.00
C GLU A 175 3.05 -18.61 12.81
N ILE A 176 4.17 -18.57 13.54
CA ILE A 176 5.32 -19.43 13.32
C ILE A 176 5.82 -20.03 14.65
N LYS A 177 5.85 -21.35 14.70
CA LYS A 177 6.38 -22.10 15.83
C LYS A 177 7.90 -22.10 15.90
N SER A 178 8.54 -22.30 14.75
CA SER A 178 9.99 -22.30 14.67
C SER A 178 10.34 -22.06 13.23
N TYR A 179 11.61 -21.77 12.98
CA TYR A 179 12.13 -21.55 11.64
C TYR A 179 13.58 -22.01 11.61
N CYS A 180 14.09 -22.28 10.41
CA CYS A 180 15.48 -22.68 10.26
C CYS A 180 15.90 -22.59 8.80
N TYR A 181 17.16 -22.26 8.59
CA TYR A 181 17.78 -22.31 7.26
C TYR A 181 18.39 -23.68 7.03
N VAL A 182 18.10 -24.27 5.86
CA VAL A 182 18.60 -25.61 5.51
C VAL A 182 19.38 -25.64 4.19
N SER A 183 20.42 -26.46 4.17
CA SER A 183 21.10 -26.80 2.93
C SER A 183 20.25 -27.80 2.17
N LYS A 184 20.64 -28.06 0.91
CA LYS A 184 19.94 -29.03 0.08
C LYS A 184 19.86 -30.39 0.77
N GLU A 185 20.96 -30.80 1.41
CA GLU A 185 21.03 -32.11 2.01
C GLU A 185 20.20 -32.18 3.29
N GLU A 186 20.20 -31.08 4.04
CA GLU A 186 19.40 -30.99 5.27
C GLU A 186 17.89 -31.04 4.98
N LEU A 187 17.48 -30.46 3.84
CA LEU A 187 16.08 -30.56 3.45
C LEU A 187 15.70 -31.98 3.03
N LYS A 188 16.58 -32.63 2.26
CA LYS A 188 16.37 -34.03 1.92
C LYS A 188 16.18 -34.90 3.18
N GLU A 189 16.99 -34.61 4.19
CA GLU A 189 16.94 -35.29 5.48
C GLU A 189 15.61 -35.02 6.20
N LEU A 190 15.17 -33.77 6.15
CA LEU A 190 13.89 -33.33 6.70
C LEU A 190 12.70 -33.95 5.96
N LEU A 191 12.82 -34.09 4.64
CA LEU A 191 11.77 -34.70 3.83
C LEU A 191 11.64 -36.20 4.08
N LYS A 192 12.71 -36.83 4.57
CA LYS A 192 12.68 -38.24 4.93
C LYS A 192 12.00 -38.45 6.29
N LYS A 193 12.15 -37.48 7.18
CA LYS A 193 11.45 -37.50 8.47
C LYS A 193 9.95 -37.26 8.28
N ALA A 194 9.59 -36.43 7.30
CA ALA A 194 8.21 -36.20 6.93
C ALA A 194 7.58 -37.45 6.30
N ALA A 195 8.30 -38.08 5.38
CA ALA A 195 7.83 -39.31 4.72
C ALA A 195 7.63 -40.48 5.69
N SER A 196 8.37 -40.46 6.80
CA SER A 196 8.27 -41.52 7.79
C SER A 196 7.44 -41.12 9.02
N GLY A 197 6.69 -40.02 8.90
CA GLY A 197 5.78 -39.54 9.94
C GLY A 197 6.37 -38.96 11.21
N GLU A 198 7.65 -38.59 11.19
CA GLU A 198 8.32 -38.02 12.35
C GLU A 198 8.00 -36.54 12.53
N ILE A 199 7.88 -35.83 11.41
CA ILE A 199 7.34 -34.47 11.40
C ILE A 199 6.27 -34.39 10.31
N LYS A 200 5.62 -33.23 10.19
CA LYS A 200 4.64 -33.01 9.14
C LYS A 200 5.05 -31.85 8.23
N ILE A 201 4.72 -31.98 6.95
CA ILE A 201 4.92 -30.91 5.99
C ILE A 201 3.60 -30.60 5.27
N THR A 202 3.44 -29.35 4.84
CA THR A 202 2.24 -28.94 4.14
C THR A 202 2.17 -29.60 2.76
N PRO A 203 0.95 -29.80 2.23
CA PRO A 203 0.81 -30.51 0.97
C PRO A 203 1.44 -29.76 -0.20
N TRP A 204 1.39 -28.43 -0.20
CA TRP A 204 1.97 -27.67 -1.31
C TRP A 204 3.50 -27.73 -1.30
N PHE A 205 4.08 -27.76 -0.11
CA PHE A 205 5.54 -27.86 0.02
C PHE A 205 6.04 -29.25 -0.43
N LYS A 206 5.27 -30.29 -0.13
CA LYS A 206 5.54 -31.62 -0.64
C LYS A 206 5.52 -31.63 -2.17
N ILE A 207 4.46 -31.08 -2.75
CA ILE A 207 4.30 -30.93 -4.19
C ILE A 207 5.52 -30.26 -4.85
N ILE A 208 5.88 -29.06 -4.38
CA ILE A 208 6.97 -28.28 -4.96
C ILE A 208 8.34 -28.94 -4.71
N ALA A 209 8.52 -29.51 -3.51
CA ALA A 209 9.78 -30.20 -3.18
C ALA A 209 10.05 -31.41 -4.07
N ALA A 210 8.98 -32.16 -4.36
CA ALA A 210 9.05 -33.34 -5.20
C ALA A 210 9.27 -33.00 -6.68
N THR A 211 8.85 -31.80 -7.08
CA THR A 211 8.74 -31.48 -8.51
C THR A 211 9.72 -30.42 -9.00
N PHE A 212 9.70 -29.23 -8.39
CA PHE A 212 10.44 -28.09 -8.94
C PHE A 212 11.67 -27.68 -8.14
N LEU A 213 11.57 -27.82 -6.82
CA LEU A 213 12.44 -27.11 -5.88
C LEU A 213 13.94 -27.35 -6.07
N PHE A 214 14.34 -28.62 -6.20
CA PHE A 214 15.77 -28.94 -6.26
C PHE A 214 16.40 -28.52 -7.58
N LYS A 215 15.58 -28.48 -8.64
CA LYS A 215 16.00 -27.94 -9.95
C LYS A 215 16.27 -26.44 -9.89
N TRP A 216 15.35 -25.69 -9.28
CA TRP A 216 15.57 -24.26 -9.04
C TRP A 216 16.76 -24.02 -8.15
N TRP A 217 16.90 -24.84 -7.10
CA TRP A 217 17.97 -24.70 -6.11
C TRP A 217 19.37 -24.85 -6.73
N ASP A 218 19.51 -25.80 -7.65
CA ASP A 218 20.76 -26.00 -8.36
C ASP A 218 21.09 -24.85 -9.29
N ASN A 219 20.07 -24.10 -9.69
CA ASN A 219 20.23 -23.04 -10.68
C ASN A 219 19.80 -21.64 -10.21
N LEU A 220 20.20 -21.26 -9.00
CA LEU A 220 19.77 -19.99 -8.41
C LEU A 220 20.30 -18.77 -9.18
N ASN A 221 21.48 -18.90 -9.77
CA ASN A 221 22.04 -17.84 -10.61
C ASN A 221 21.33 -17.69 -11.95
N HIS A 222 20.82 -18.79 -12.50
CA HIS A 222 20.13 -18.77 -13.79
C HIS A 222 18.68 -19.20 -13.68
N LEU A 223 17.84 -18.38 -13.05
CA LEU A 223 16.44 -18.73 -12.82
C LEU A 223 15.54 -18.55 -14.04
N ASN A 224 16.03 -17.88 -15.05
CA ASN A 224 15.21 -17.62 -16.20
C ASN A 224 14.66 -18.83 -16.90
N GLN A 225 15.48 -19.83 -17.21
CA GLN A 225 14.98 -21.00 -17.91
C GLN A 225 13.74 -21.59 -17.23
N PHE A 226 13.50 -21.16 -16.00
CA PHE A 226 12.39 -21.67 -15.20
C PHE A 226 11.17 -20.76 -15.18
N VAL A 227 11.35 -19.51 -15.59
CA VAL A 227 10.26 -18.53 -15.62
C VAL A 227 9.21 -18.92 -16.67
N ASP A 228 8.01 -19.27 -16.21
CA ASP A 228 6.88 -19.60 -17.09
C ASP A 228 5.63 -18.89 -16.60
N HIS A 229 5.33 -17.75 -17.22
CA HIS A 229 4.20 -16.93 -16.81
C HIS A 229 2.94 -17.21 -17.61
N GLU A 230 2.98 -18.29 -18.39
CA GLU A 230 1.88 -18.67 -19.27
C GLU A 230 1.19 -19.96 -18.81
N LYS A 231 1.98 -20.92 -18.34
CA LYS A 231 1.45 -22.24 -18.00
C LYS A 231 1.09 -22.35 -16.51
N ILE A 232 -0.11 -22.82 -16.25
CA ILE A 232 -0.55 -23.14 -14.90
C ILE A 232 -0.43 -24.65 -14.73
N TYR A 233 0.53 -25.07 -13.93
CA TYR A 233 0.77 -26.46 -13.65
C TYR A 233 -0.33 -27.04 -12.74
N ARG A 234 -0.95 -28.12 -13.19
CA ARG A 234 -2.01 -28.81 -12.44
C ARG A 234 -1.43 -29.95 -11.62
N HIS B 16 3.88 15.31 -23.83
CA HIS B 16 4.70 16.49 -23.88
C HIS B 16 4.70 17.27 -22.57
N LEU B 17 5.23 16.66 -21.50
CA LEU B 17 5.10 17.22 -20.15
C LEU B 17 6.44 17.69 -19.61
N ASP B 18 6.40 18.68 -18.71
CA ASP B 18 7.60 19.30 -18.11
C ASP B 18 8.54 18.25 -17.48
N LYS B 19 9.85 18.40 -17.71
CA LYS B 19 10.83 17.40 -17.30
C LYS B 19 11.02 17.24 -15.80
N GLN B 20 11.04 18.36 -15.07
CA GLN B 20 11.19 18.32 -13.61
C GLN B 20 9.96 17.70 -12.94
N GLN B 21 8.78 18.02 -13.45
CA GLN B 21 7.57 17.42 -13.02
C GLN B 21 7.53 15.94 -13.28
N VAL B 22 8.09 15.55 -14.40
CA VAL B 22 8.10 14.14 -14.78
C VAL B 22 8.99 13.32 -13.86
N GLN B 23 10.11 13.87 -13.52
CA GLN B 23 10.96 13.14 -12.65
C GLN B 23 10.34 12.89 -11.28
N LEU B 24 9.36 13.70 -10.95
CA LEU B 24 8.70 13.63 -9.65
C LEU B 24 7.69 12.51 -9.66
N LEU B 25 7.29 12.12 -10.86
CA LEU B 25 6.33 11.02 -11.03
C LEU B 25 6.83 9.67 -10.55
N ALA B 26 8.12 9.57 -10.28
CA ALA B 26 8.71 8.32 -9.81
C ALA B 26 8.62 8.20 -8.29
N GLU B 27 8.19 9.26 -7.63
CA GLU B 27 8.06 9.24 -6.17
C GLU B 27 7.01 8.23 -5.76
N CYS B 29 4.04 7.02 -3.53
CA CYS B 29 2.93 7.46 -2.66
C CYS B 29 2.39 6.32 -1.81
N ILE B 30 1.65 6.66 -0.75
CA ILE B 30 1.04 5.65 0.12
C ILE B 30 -0.36 5.28 -0.40
N LEU B 31 -0.55 4.01 -0.72
CA LEU B 31 -1.83 3.50 -1.14
C LEU B 31 -2.59 3.17 0.14
N ILE B 32 -3.85 3.61 0.24
CA ILE B 32 -4.66 3.42 1.48
C ILE B 32 -6.00 2.81 1.14
N ASP B 33 -6.67 2.22 2.13
CA ASP B 33 -8.04 1.80 1.95
C ASP B 33 -8.95 2.99 2.27
N GLU B 34 -10.27 2.80 2.20
CA GLU B 34 -11.19 3.92 2.40
C GLU B 34 -11.16 4.48 3.85
N ASN B 35 -10.48 3.77 4.76
CA ASN B 35 -10.33 4.24 6.13
C ASN B 35 -8.92 4.71 6.46
N ASP B 36 -8.13 5.04 5.43
CA ASP B 36 -6.81 5.65 5.61
C ASP B 36 -5.81 4.68 6.27
N ASN B 37 -6.05 3.39 6.11
CA ASN B 37 -5.10 2.36 6.51
C ASN B 37 -4.21 2.07 5.30
N LYS B 38 -2.90 2.02 5.53
CA LYS B 38 -1.94 1.80 4.48
C LYS B 38 -2.07 0.41 3.91
N ILE B 39 -2.13 0.31 2.58
CA ILE B 39 -2.32 -1.00 1.91
C ILE B 39 -1.21 -1.31 0.89
N GLY B 40 -0.44 -0.31 0.51
CA GLY B 40 0.66 -0.54 -0.40
C GLY B 40 1.39 0.73 -0.73
N ALA B 41 2.23 0.65 -1.76
CA ALA B 41 2.95 1.81 -2.26
C ALA B 41 2.94 1.79 -3.80
N GLU B 42 2.78 2.97 -4.38
CA GLU B 42 2.64 3.11 -5.82
C GLU B 42 3.22 4.45 -6.27
N THR B 43 3.82 4.50 -7.45
CA THR B 43 4.34 5.74 -7.98
C THR B 43 3.29 6.82 -8.16
N LYS B 44 3.69 8.07 -7.92
CA LYS B 44 2.86 9.24 -8.14
C LYS B 44 2.12 9.19 -9.46
N LYS B 45 2.84 8.81 -10.53
CA LYS B 45 2.26 8.70 -11.86
C LYS B 45 1.08 7.74 -11.93
N ASN B 46 1.27 6.50 -11.50
CA ASN B 46 0.20 5.49 -11.50
C ASN B 46 -0.97 5.89 -10.60
N CYS B 47 -0.66 6.54 -9.48
CA CYS B 47 -1.70 7.03 -8.56
C CYS B 47 -2.55 8.12 -9.18
N HIS B 48 -2.02 8.79 -10.21
CA HIS B 48 -2.77 9.90 -10.78
C HIS B 48 -3.34 9.65 -12.14
N LEU B 49 -3.26 8.42 -12.61
CA LEU B 49 -3.93 8.05 -13.86
C LEU B 49 -5.38 7.69 -13.58
N ASN B 50 -6.30 8.33 -14.30
CA ASN B 50 -7.75 8.07 -14.15
C ASN B 50 -8.05 6.58 -14.33
N GLU B 51 -7.36 5.95 -15.27
CA GLU B 51 -7.51 4.52 -15.54
C GLU B 51 -7.22 3.69 -14.28
N ASN B 52 -6.24 4.11 -13.49
CA ASN B 52 -5.93 3.43 -12.26
C ASN B 52 -6.86 3.82 -11.12
N ILE B 53 -7.28 5.08 -11.09
CA ILE B 53 -8.26 5.54 -10.09
C ILE B 53 -9.62 4.83 -10.28
N GLU B 54 -9.95 4.54 -11.53
CA GLU B 54 -11.15 3.78 -11.87
C GLU B 54 -11.04 2.33 -11.41
N LYS B 55 -9.82 1.88 -11.14
CA LYS B 55 -9.60 0.55 -10.55
C LYS B 55 -9.54 0.58 -9.02
N GLY B 56 -9.93 1.70 -8.42
CA GLY B 56 -10.02 1.80 -6.96
C GLY B 56 -8.82 2.43 -6.28
N LEU B 57 -7.78 2.74 -7.05
CA LEU B 57 -6.54 3.29 -6.49
C LEU B 57 -6.78 4.60 -5.78
N LEU B 58 -6.32 4.67 -4.53
CA LEU B 58 -6.57 5.78 -3.60
C LEU B 58 -5.29 6.00 -2.76
N HIS B 59 -4.80 7.24 -2.68
CA HIS B 59 -3.52 7.53 -1.99
C HIS B 59 -3.67 8.60 -0.89
N ARG B 60 -2.71 8.66 0.03
CA ARG B 60 -2.68 9.67 1.10
C ARG B 60 -2.06 10.99 0.62
N ALA B 61 -2.65 12.07 1.12
CA ALA B 61 -2.31 13.41 0.70
C ALA B 61 -2.45 14.38 1.84
N PHE B 62 -1.89 15.59 1.64
CA PHE B 62 -2.10 16.71 2.58
C PHE B 62 -2.33 18.06 1.86
N SER B 63 -3.09 18.92 2.53
CA SER B 63 -3.30 20.31 2.12
C SER B 63 -2.97 21.26 3.26
N VAL B 64 -2.10 22.22 2.97
CA VAL B 64 -1.69 23.21 3.96
C VAL B 64 -2.41 24.51 3.67
N PHE B 65 -2.92 25.15 4.72
CA PHE B 65 -3.45 26.52 4.65
C PHE B 65 -2.62 27.34 5.63
N LEU B 66 -1.82 28.25 5.08
CA LEU B 66 -0.92 29.06 5.89
C LEU B 66 -1.43 30.49 5.95
N PHE B 67 -1.68 30.97 7.18
CA PHE B 67 -2.13 32.33 7.45
C PHE B 67 -0.97 33.10 8.04
N ASN B 68 -0.76 34.35 7.63
CA ASN B 68 0.24 35.19 8.29
C ASN B 68 -0.35 35.87 9.54
N THR B 69 0.42 36.71 10.21
CA THR B 69 -0.06 37.30 11.48
C THR B 69 -1.09 38.42 11.30
N GLU B 70 -1.26 38.88 10.07
CA GLU B 70 -2.40 39.73 9.70
C GLU B 70 -3.64 38.90 9.39
N ASN B 71 -3.56 37.58 9.62
CA ASN B 71 -4.63 36.61 9.30
C ASN B 71 -4.99 36.52 7.81
N LYS B 72 -4.00 36.73 6.95
CA LYS B 72 -4.18 36.56 5.51
C LYS B 72 -3.73 35.18 5.06
N LEU B 73 -4.57 34.52 4.26
CA LEU B 73 -4.26 33.22 3.71
C LEU B 73 -3.27 33.36 2.55
N LEU B 74 -2.22 32.54 2.56
CA LEU B 74 -1.29 32.49 1.44
C LEU B 74 -1.82 31.53 0.38
N LEU B 75 -2.15 32.09 -0.78
CA LEU B 75 -2.63 31.27 -1.89
C LEU B 75 -1.51 31.15 -2.91
N GLN B 76 -1.51 30.03 -3.64
CA GLN B 76 -0.59 29.87 -4.76
C GLN B 76 -1.36 29.65 -6.07
N GLN B 77 -0.71 29.98 -7.20
CA GLN B 77 -1.21 29.58 -8.49
C GLN B 77 -0.22 28.58 -9.03
N ARG B 78 -0.75 27.40 -9.36
CA ARG B 78 0.06 26.30 -9.85
C ARG B 78 0.67 26.70 -11.20
N SER B 79 1.94 26.40 -11.39
CA SER B 79 2.60 26.71 -12.66
C SER B 79 1.90 26.00 -13.81
N ASP B 80 2.18 26.43 -15.05
CA ASP B 80 1.69 25.71 -16.22
C ASP B 80 2.39 24.37 -16.41
N ALA B 81 3.45 24.13 -15.62
CA ALA B 81 4.24 22.88 -15.69
C ALA B 81 3.58 21.70 -14.99
N LYS B 82 2.72 21.98 -14.02
CA LYS B 82 2.07 20.92 -13.25
C LYS B 82 1.21 20.03 -14.16
N ILE B 83 1.28 18.73 -13.92
CA ILE B 83 0.61 17.75 -14.77
C ILE B 83 -0.88 17.67 -14.45
N THR B 84 -1.23 17.86 -13.18
CA THR B 84 -2.63 17.96 -12.78
C THR B 84 -2.93 19.43 -12.44
N PHE B 85 -4.07 19.93 -12.88
CA PHE B 85 -4.55 21.30 -12.57
C PHE B 85 -3.55 22.45 -12.74
N PRO B 86 -2.84 22.51 -13.88
CA PRO B 86 -1.95 23.66 -14.06
C PRO B 86 -2.71 24.97 -14.18
N GLY B 87 -2.11 26.07 -13.74
CA GLY B 87 -2.73 27.37 -13.87
C GLY B 87 -3.76 27.66 -12.78
N CYS B 88 -4.01 26.70 -11.91
CA CYS B 88 -5.11 26.81 -10.95
C CYS B 88 -4.72 27.48 -9.63
N PHE B 89 -5.58 28.36 -9.13
CA PHE B 89 -5.43 28.95 -7.80
C PHE B 89 -5.90 27.96 -6.74
N THR B 90 -5.24 28.00 -5.59
CA THR B 90 -5.36 26.93 -4.60
C THR B 90 -4.72 27.37 -3.30
N ASN B 91 -4.94 26.59 -2.25
CA ASN B 91 -4.36 26.87 -0.95
C ASN B 91 -2.84 26.78 -0.95
N THR B 92 -2.24 27.14 0.17
CA THR B 92 -0.80 27.34 0.31
C THR B 92 0.08 26.30 -0.41
N CYS B 93 -0.16 25.02 -0.10
CA CYS B 93 0.68 23.93 -0.55
C CYS B 93 -0.02 22.58 -0.38
N CYS B 94 0.01 21.77 -1.44
CA CYS B 94 -0.48 20.40 -1.38
C CYS B 94 0.57 19.41 -1.90
N SER B 95 0.57 18.22 -1.29
CA SER B 95 1.27 17.07 -1.84
CA SER B 95 1.30 17.08 -1.82
C SER B 95 0.88 15.78 -1.15
N HIS B 96 1.79 14.81 -1.19
CA HIS B 96 1.61 13.48 -0.68
C HIS B 96 2.76 13.16 0.26
N PRO B 97 2.44 12.52 1.40
CA PRO B 97 3.45 11.88 2.22
C PRO B 97 4.08 10.74 1.42
N LEU B 98 5.41 10.61 1.48
CA LEU B 98 6.10 9.62 0.66
C LEU B 98 6.06 8.26 1.34
N SER B 99 6.15 7.20 0.55
CA SER B 99 6.21 5.88 1.14
C SER B 99 7.62 5.57 1.62
N ASN B 100 8.10 6.37 2.58
CA ASN B 100 9.36 6.09 3.29
C ASN B 100 9.14 6.10 4.81
N PRO B 101 10.06 5.52 5.61
CA PRO B 101 9.82 5.45 7.08
C PRO B 101 9.66 6.79 7.81
N ALA B 102 10.22 7.86 7.23
CA ALA B 102 10.05 9.20 7.80
C ALA B 102 8.61 9.64 7.66
N GLU B 103 8.04 9.42 6.49
CA GLU B 103 6.72 9.97 6.18
C GLU B 103 5.59 8.97 6.25
N LEU B 104 5.90 7.73 6.61
CA LEU B 104 4.87 6.73 6.83
C LEU B 104 4.46 6.80 8.28
N GLU B 105 5.22 7.54 9.08
CA GLU B 105 5.02 7.58 10.53
C GLU B 105 3.63 8.06 10.83
N GLU B 106 2.88 7.25 11.57
CA GLU B 106 1.48 7.57 11.89
C GLU B 106 1.22 8.08 13.31
N SER B 107 2.20 7.94 14.20
CA SER B 107 2.11 8.52 15.54
C SER B 107 1.94 10.03 15.40
N ASP B 108 0.80 10.53 15.87
CA ASP B 108 0.45 11.96 15.86
C ASP B 108 0.45 12.58 14.45
N ALA B 109 0.21 11.74 13.44
CA ALA B 109 0.22 12.15 12.04
C ALA B 109 1.53 12.87 11.71
N LEU B 110 2.61 12.42 12.35
CA LEU B 110 3.90 13.05 12.20
C LEU B 110 4.43 12.90 10.78
N GLY B 111 4.10 11.79 10.12
CA GLY B 111 4.58 11.55 8.77
C GLY B 111 4.07 12.58 7.77
N VAL B 112 2.82 12.99 7.93
CA VAL B 112 2.23 13.98 7.01
C VAL B 112 2.76 15.38 7.29
N ARG B 113 2.88 15.72 8.58
CA ARG B 113 3.41 17.00 9.02
C ARG B 113 4.86 17.19 8.60
N ARG B 114 5.63 16.11 8.56
CA ARG B 114 7.00 16.15 8.02
C ARG B 114 6.99 16.35 6.51
N ALA B 115 6.03 15.72 5.84
CA ALA B 115 5.85 15.83 4.39
C ALA B 115 5.53 17.27 4.01
N ALA B 116 4.63 17.89 4.77
CA ALA B 116 4.23 19.30 4.60
C ALA B 116 5.42 20.24 4.72
N GLN B 117 6.24 20.02 5.74
CA GLN B 117 7.40 20.86 6.03
C GLN B 117 8.35 20.75 4.85
N ARG B 118 8.57 19.53 4.38
CA ARG B 118 9.40 19.26 3.21
C ARG B 118 8.86 19.95 1.97
N ARG B 119 7.57 19.83 1.66
CA ARG B 119 7.01 20.48 0.46
C ARG B 119 6.92 22.00 0.53
N LEU B 120 6.69 22.53 1.73
CA LEU B 120 6.69 23.97 1.92
C LEU B 120 8.04 24.53 1.56
N LYS B 121 9.10 23.79 1.87
CA LYS B 121 10.45 24.20 1.52
C LYS B 121 10.71 24.04 0.04
N ALA B 122 10.28 22.92 -0.53
CA ALA B 122 10.50 22.66 -1.95
C ALA B 122 9.65 23.56 -2.84
N GLU B 123 8.38 23.72 -2.54
CA GLU B 123 7.53 24.57 -3.38
C GLU B 123 7.77 26.07 -3.16
N LEU B 124 7.82 26.49 -1.90
CA LEU B 124 7.77 27.91 -1.61
C LEU B 124 9.10 28.49 -1.13
N GLY B 125 10.04 27.61 -0.82
CA GLY B 125 11.35 28.05 -0.38
C GLY B 125 11.33 28.48 1.07
N ILE B 126 10.27 28.09 1.77
CA ILE B 126 10.17 28.33 3.20
C ILE B 126 11.18 27.46 3.96
N PRO B 127 12.14 28.09 4.68
CA PRO B 127 13.12 27.29 5.39
C PRO B 127 12.49 26.32 6.39
N LEU B 128 12.99 25.10 6.40
CA LEU B 128 12.44 24.05 7.28
C LEU B 128 12.24 24.57 8.70
N GLU B 129 13.16 25.42 9.15
CA GLU B 129 13.16 25.92 10.51
C GLU B 129 12.00 26.86 10.82
N GLU B 130 11.49 27.52 9.80
CA GLU B 130 10.38 28.45 9.97
C GLU B 130 9.07 27.72 10.25
N VAL B 131 8.93 26.49 9.75
CA VAL B 131 7.75 25.69 10.01
C VAL B 131 8.11 24.26 10.44
N PRO B 132 8.49 24.07 11.73
CA PRO B 132 8.74 22.70 12.16
C PRO B 132 7.42 21.96 12.33
N PRO B 133 7.45 20.61 12.23
CA PRO B 133 6.24 19.80 12.28
C PRO B 133 5.27 20.08 13.45
N GLU B 134 5.79 20.60 14.56
CA GLU B 134 4.91 20.93 15.70
C GLU B 134 4.12 22.24 15.53
N GLU B 135 4.50 23.04 14.53
CA GLU B 135 3.76 24.26 14.19
C GLU B 135 2.63 24.02 13.19
N ILE B 136 2.47 22.78 12.76
CA ILE B 136 1.49 22.42 11.74
C ILE B 136 0.32 21.70 12.38
N ASN B 137 -0.85 22.32 12.32
CA ASN B 137 -2.04 21.80 12.99
C ASN B 137 -2.88 20.92 12.08
N TYR B 138 -2.82 19.62 12.33
CA TYR B 138 -3.67 18.68 11.63
C TYR B 138 -5.09 18.76 12.18
N LEU B 139 -6.02 19.20 11.32
CA LEU B 139 -7.42 19.37 11.71
C LEU B 139 -8.29 18.13 11.47
N THR B 140 -8.45 17.77 10.21
CA THR B 140 -9.28 16.64 9.85
C THR B 140 -8.87 16.08 8.48
N ARG B 141 -9.65 15.12 7.98
CA ARG B 141 -9.40 14.47 6.70
C ARG B 141 -10.61 14.51 5.78
N ILE B 142 -10.36 14.67 4.50
CA ILE B 142 -11.42 14.69 3.49
C ILE B 142 -11.10 13.73 2.36
N HIS B 143 -12.05 12.85 2.05
CA HIS B 143 -11.99 11.97 0.89
C HIS B 143 -12.65 12.66 -0.33
N TYR B 144 -11.93 12.73 -1.46
CA TYR B 144 -12.48 13.29 -2.69
C TYR B 144 -11.88 12.63 -3.95
N LYS B 145 -12.62 12.73 -5.04
CA LYS B 145 -12.21 12.25 -6.35
C LYS B 145 -12.52 13.37 -7.35
N ALA B 146 -11.55 13.69 -8.20
CA ALA B 146 -11.71 14.74 -9.19
C ALA B 146 -10.77 14.55 -10.35
N GLN B 147 -11.28 14.76 -11.56
CA GLN B 147 -10.44 14.68 -12.76
C GLN B 147 -9.84 16.04 -13.16
N SER B 148 -8.59 16.00 -13.62
CA SER B 148 -7.90 17.17 -14.19
C SER B 148 -8.22 17.25 -15.68
N ASP B 149 -7.95 16.17 -16.39
CA ASP B 149 -8.36 16.02 -17.77
C ASP B 149 -8.78 14.58 -17.92
N GLY B 150 -8.84 14.09 -19.16
CA GLY B 150 -9.23 12.72 -19.44
C GLY B 150 -8.27 11.68 -18.90
N ILE B 151 -6.99 12.06 -18.78
CA ILE B 151 -5.92 11.12 -18.41
C ILE B 151 -5.54 11.19 -16.93
N TRP B 152 -5.42 12.41 -16.42
CA TRP B 152 -4.90 12.64 -15.09
C TRP B 152 -6.00 13.10 -14.13
N GLY B 153 -5.86 12.71 -12.88
CA GLY B 153 -6.83 13.12 -11.86
C GLY B 153 -6.35 12.84 -10.46
N GLU B 154 -7.26 13.02 -9.53
CA GLU B 154 -6.94 12.86 -8.12
C GLU B 154 -7.94 11.93 -7.46
N HIS B 155 -7.46 11.19 -6.48
CA HIS B 155 -8.28 10.36 -5.59
C HIS B 155 -7.48 10.20 -4.33
N GLU B 156 -7.90 10.90 -3.29
CA GLU B 156 -7.08 11.05 -2.10
C GLU B 156 -7.95 11.05 -0.84
N ILE B 157 -7.36 10.69 0.27
CA ILE B 157 -7.84 11.12 1.59
C ILE B 157 -6.84 12.20 2.05
N ASP B 158 -7.32 13.44 2.12
CA ASP B 158 -6.48 14.62 2.25
C ASP B 158 -6.48 15.05 3.70
N TYR B 159 -5.30 15.08 4.30
CA TYR B 159 -5.04 15.66 5.62
C TYR B 159 -5.02 17.21 5.54
N ILE B 160 -5.94 17.86 6.24
CA ILE B 160 -6.02 19.33 6.24
C ILE B 160 -5.15 19.93 7.35
N LEU B 161 -4.16 20.71 6.94
CA LEU B 161 -3.16 21.22 7.87
C LEU B 161 -3.19 22.73 7.90
N LEU B 162 -3.22 23.30 9.10
CA LEU B 162 -3.21 24.74 9.26
C LEU B 162 -1.96 25.24 9.98
N VAL B 163 -1.37 26.29 9.42
CA VAL B 163 -0.18 26.94 9.95
C VAL B 163 -0.45 28.45 10.10
N ARG B 164 -0.03 29.03 11.24
CA ARG B 164 -0.06 30.50 11.47
C ARG B 164 1.36 30.99 11.77
N ASN B 166 4.67 33.81 10.13
CA ASN B 166 5.18 34.80 9.18
C ASN B 166 6.41 34.19 8.55
N VAL B 167 6.37 33.94 7.23
CA VAL B 167 7.43 33.15 6.58
C VAL B 167 8.17 33.94 5.49
N THR B 168 9.37 33.47 5.13
CA THR B 168 10.15 34.07 4.05
C THR B 168 9.94 33.21 2.81
N LEU B 169 9.65 33.87 1.70
CA LEU B 169 9.31 33.15 0.48
C LEU B 169 10.37 33.28 -0.61
N ASN B 170 10.65 32.18 -1.25
CA ASN B 170 11.37 32.13 -2.52
C ASN B 170 10.83 30.91 -3.22
N PRO B 171 9.72 31.05 -3.90
CA PRO B 171 9.07 29.89 -4.49
C PRO B 171 9.76 29.43 -5.80
N ASP B 172 9.57 28.14 -6.12
CA ASP B 172 10.08 27.53 -7.36
C ASP B 172 9.09 27.85 -8.49
N PRO B 173 9.56 28.61 -9.51
CA PRO B 173 8.72 28.95 -10.67
C PRO B 173 8.25 27.72 -11.46
N ASN B 174 8.96 26.60 -11.30
CA ASN B 174 8.50 25.35 -11.88
C ASN B 174 7.26 24.76 -11.17
N GLU B 175 7.09 25.10 -9.90
CA GLU B 175 5.96 24.60 -9.13
C GLU B 175 4.81 25.59 -9.09
N ILE B 176 5.18 26.87 -9.04
CA ILE B 176 4.28 27.96 -8.69
C ILE B 176 4.40 29.13 -9.68
N LYS B 177 3.29 29.47 -10.31
CA LYS B 177 3.20 30.60 -11.23
C LYS B 177 3.18 31.95 -10.54
N SER B 178 2.39 32.03 -9.46
CA SER B 178 2.27 33.24 -8.70
C SER B 178 1.69 32.86 -7.34
N TYR B 179 1.79 33.77 -6.40
CA TYR B 179 1.25 33.57 -5.06
C TYR B 179 0.77 34.90 -4.56
N CYS B 180 -0.07 34.86 -3.52
CA CYS B 180 -0.73 36.05 -3.00
CA CYS B 180 -0.63 36.08 -2.94
C CYS B 180 -1.29 35.79 -1.60
N TYR B 181 -1.16 36.75 -0.68
CA TYR B 181 -1.87 36.70 0.60
C TYR B 181 -3.19 37.43 0.44
N VAL B 182 -4.28 36.80 0.88
CA VAL B 182 -5.62 37.36 0.76
C VAL B 182 -6.35 37.45 2.11
N SER B 183 -7.08 38.54 2.28
CA SER B 183 -8.05 38.65 3.37
C SER B 183 -9.27 37.79 3.04
N LYS B 184 -10.17 37.64 4.00
CA LYS B 184 -11.39 36.87 3.81
C LYS B 184 -12.17 37.40 2.62
N GLU B 185 -12.26 38.72 2.53
CA GLU B 185 -13.10 39.35 1.52
C GLU B 185 -12.46 39.22 0.15
N GLU B 186 -11.13 39.28 0.11
CA GLU B 186 -10.38 39.14 -1.14
C GLU B 186 -10.51 37.73 -1.72
N LEU B 187 -10.57 36.72 -0.85
CA LEU B 187 -10.80 35.36 -1.31
C LEU B 187 -12.22 35.18 -1.84
N LYS B 188 -13.22 35.72 -1.12
CA LYS B 188 -14.60 35.71 -1.63
C LYS B 188 -14.68 36.31 -3.05
N GLU B 189 -13.96 37.40 -3.25
CA GLU B 189 -13.86 38.11 -4.54
C GLU B 189 -13.21 37.22 -5.61
N LEU B 190 -12.13 36.54 -5.21
CA LEU B 190 -11.44 35.57 -6.07
C LEU B 190 -12.31 34.34 -6.41
N LEU B 191 -13.09 33.87 -5.43
CA LEU B 191 -13.99 32.75 -5.64
C LEU B 191 -15.15 33.09 -6.59
N LYS B 192 -15.47 34.38 -6.71
CA LYS B 192 -16.48 34.84 -7.65
C LYS B 192 -15.93 34.90 -9.07
N LYS B 193 -14.65 35.23 -9.20
CA LYS B 193 -13.98 35.20 -10.49
C LYS B 193 -13.81 33.76 -10.99
N ALA B 194 -13.60 32.83 -10.05
CA ALA B 194 -13.53 31.40 -10.34
C ALA B 194 -14.88 30.87 -10.81
N ALA B 195 -15.95 31.21 -10.08
CA ALA B 195 -17.32 30.79 -10.41
C ALA B 195 -17.80 31.32 -11.77
N SER B 196 -17.26 32.45 -12.20
CA SER B 196 -17.64 33.04 -13.47
C SER B 196 -16.62 32.77 -14.60
N GLY B 197 -15.71 31.83 -14.36
CA GLY B 197 -14.74 31.38 -15.38
C GLY B 197 -13.61 32.33 -15.74
N GLU B 198 -13.39 33.36 -14.94
CA GLU B 198 -12.31 34.33 -15.17
C GLU B 198 -10.94 33.79 -14.77
N ILE B 199 -10.91 33.02 -13.68
CA ILE B 199 -9.72 32.25 -13.29
C ILE B 199 -10.16 30.83 -12.98
N LYS B 200 -9.20 29.96 -12.68
CA LYS B 200 -9.52 28.58 -12.29
C LYS B 200 -9.01 28.26 -10.89
N ILE B 201 -9.79 27.46 -10.17
CA ILE B 201 -9.37 26.93 -8.88
C ILE B 201 -9.40 25.40 -8.87
N THR B 202 -8.56 24.80 -8.04
CA THR B 202 -8.50 23.35 -7.94
C THR B 202 -9.78 22.82 -7.27
N PRO B 203 -10.17 21.57 -7.59
CA PRO B 203 -11.42 21.05 -7.06
C PRO B 203 -11.41 20.89 -5.55
N TRP B 204 -10.26 20.56 -4.96
CA TRP B 204 -10.20 20.39 -3.51
C TRP B 204 -10.30 21.73 -2.78
N PHE B 205 -9.74 22.78 -3.39
CA PHE B 205 -9.83 24.11 -2.80
C PHE B 205 -11.26 24.65 -2.85
N LYS B 206 -11.96 24.35 -3.95
CA LYS B 206 -13.39 24.65 -4.06
C LYS B 206 -14.19 23.98 -2.97
N ILE B 207 -13.96 22.67 -2.80
CA ILE B 207 -14.58 21.86 -1.75
C ILE B 207 -14.40 22.47 -0.35
N ILE B 208 -13.14 22.71 0.04
CA ILE B 208 -12.83 23.22 1.37
C ILE B 208 -13.29 24.65 1.59
N ALA B 209 -13.22 25.48 0.55
CA ALA B 209 -13.67 26.88 0.63
C ALA B 209 -15.18 26.97 0.85
N ALA B 210 -15.91 26.08 0.20
CA ALA B 210 -17.36 26.06 0.27
C ALA B 210 -17.87 25.51 1.59
N THR B 211 -17.05 24.70 2.25
CA THR B 211 -17.49 23.89 3.37
C THR B 211 -16.87 24.28 4.72
N PHE B 212 -15.53 24.26 4.81
CA PHE B 212 -14.86 24.40 6.10
C PHE B 212 -14.14 25.72 6.33
N LEU B 213 -13.58 26.27 5.25
CA LEU B 213 -12.52 27.28 5.33
C LEU B 213 -12.89 28.57 6.06
N PHE B 214 -14.06 29.12 5.78
CA PHE B 214 -14.45 30.39 6.40
C PHE B 214 -14.80 30.24 7.87
N LYS B 215 -15.25 29.04 8.26
CA LYS B 215 -15.49 28.71 9.66
C LYS B 215 -14.19 28.64 10.45
N TRP B 216 -13.19 27.93 9.91
CA TRP B 216 -11.85 27.90 10.52
C TRP B 216 -11.24 29.28 10.57
N TRP B 217 -11.45 30.07 9.52
CA TRP B 217 -10.85 31.40 9.38
C TRP B 217 -11.33 32.37 10.45
N ASP B 218 -12.62 32.33 10.74
CA ASP B 218 -13.21 33.12 11.82
C ASP B 218 -12.69 32.73 13.19
N ASN B 219 -12.21 31.49 13.32
CA ASN B 219 -11.82 30.93 14.60
C ASN B 219 -10.37 30.47 14.70
N LEU B 220 -9.44 31.29 14.21
CA LEU B 220 -8.03 30.88 14.15
C LEU B 220 -7.40 30.69 15.54
N ASN B 221 -7.89 31.46 16.52
CA ASN B 221 -7.42 31.35 17.89
C ASN B 221 -7.95 30.09 18.58
N HIS B 222 -9.14 29.64 18.18
CA HIS B 222 -9.79 28.49 18.80
C HIS B 222 -10.04 27.38 17.79
N LEU B 223 -9.00 26.71 17.33
CA LEU B 223 -9.16 25.68 16.29
C LEU B 223 -9.59 24.32 16.82
N ASN B 224 -9.52 24.17 18.14
CA ASN B 224 -9.81 22.94 18.83
C ASN B 224 -11.16 22.32 18.48
N GLN B 225 -12.21 23.14 18.49
CA GLN B 225 -13.56 22.65 18.22
C GLN B 225 -13.67 22.03 16.84
N PHE B 226 -12.69 22.32 16.00
CA PHE B 226 -12.67 21.81 14.63
C PHE B 226 -11.83 20.56 14.43
N VAL B 227 -10.99 20.23 15.41
CA VAL B 227 -10.13 19.06 15.34
C VAL B 227 -10.96 17.76 15.39
N ASP B 228 -10.95 17.01 14.29
CA ASP B 228 -11.64 15.72 14.23
C ASP B 228 -10.73 14.69 13.57
N HIS B 229 -10.09 13.88 14.41
CA HIS B 229 -9.12 12.92 13.94
C HIS B 229 -9.71 11.53 13.75
N GLU B 230 -11.04 11.46 13.85
CA GLU B 230 -11.77 10.19 13.76
C GLU B 230 -12.60 10.10 12.48
N LYS B 231 -13.24 11.21 12.10
CA LYS B 231 -14.13 11.24 10.95
C LYS B 231 -13.44 11.61 9.63
N ILE B 232 -13.65 10.79 8.61
CA ILE B 232 -13.21 11.10 7.28
C ILE B 232 -14.43 11.63 6.51
N TYR B 233 -14.37 12.90 6.12
CA TYR B 233 -15.43 13.53 5.37
C TYR B 233 -15.41 13.11 3.90
N ARG B 234 -16.50 12.48 3.44
CA ARG B 234 -16.61 12.01 2.06
C ARG B 234 -17.23 13.09 1.18
#